data_2GS4
#
_entry.id   2GS4
#
_cell.length_a   79.87
_cell.length_b   79.87
_cell.length_c   131.24
_cell.angle_alpha   90.00
_cell.angle_beta   90.00
_cell.angle_gamma   120.00
#
_symmetry.space_group_name_H-M   'H 3'
#
loop_
_entity.id
_entity.type
_entity.pdbx_description
1 polymer 'Protein yciF'
2 water water
#
_entity_poly.entity_id   1
_entity_poly.type   'polypeptide(L)'
_entity_poly.pdbx_seq_one_letter_code
;(MSE)N(MSE)KTIEDVFIHLLSDTYSAEKQLTRALAKLARATSNEKLSQAFHAHLEETHGQIERIDQVVESESNLKIKR
(MSE)KCVA(MSE)EGLIEEANEVIESTEKNEVRDAALIAAAQKVEHYEIASYGTLATLAEQLGYRKAAKLLKETLEEEK
ATDIKLTDLAINNVNKKAENKA
;
_entity_poly.pdbx_strand_id   A,B
#
# COMPACT_ATOMS: atom_id res chain seq x y z
N LYS A 4 9.02 11.29 -14.57
CA LYS A 4 8.55 11.71 -15.91
C LYS A 4 8.61 10.59 -16.94
N THR A 5 9.51 9.63 -16.74
CA THR A 5 9.63 8.52 -17.67
C THR A 5 9.21 7.23 -16.97
N ILE A 6 8.98 6.19 -17.78
CA ILE A 6 8.57 4.88 -17.26
C ILE A 6 9.68 4.42 -16.34
N GLU A 7 10.89 4.78 -16.75
CA GLU A 7 12.10 4.46 -16.04
C GLU A 7 12.08 5.05 -14.62
N ASP A 8 11.69 6.32 -14.49
CA ASP A 8 11.62 6.95 -13.17
C ASP A 8 10.58 6.22 -12.32
N VAL A 9 9.44 5.88 -12.92
CA VAL A 9 8.37 5.18 -12.21
C VAL A 9 8.91 3.83 -11.74
N PHE A 10 9.60 3.14 -12.64
CA PHE A 10 10.17 1.84 -12.29
C PHE A 10 11.17 1.93 -11.15
N ILE A 11 12.09 2.88 -11.23
CA ILE A 11 13.08 3.00 -10.17
C ILE A 11 12.39 3.35 -8.84
N HIS A 12 11.41 4.22 -8.91
CA HIS A 12 10.67 4.62 -7.71
C HIS A 12 10.00 3.40 -7.06
N LEU A 13 9.23 2.64 -7.84
CA LEU A 13 8.55 1.46 -7.31
C LEU A 13 9.49 0.37 -6.81
N LEU A 14 10.62 0.20 -7.49
CA LEU A 14 11.60 -0.81 -7.08
C LEU A 14 12.24 -0.42 -5.75
N SER A 15 12.52 0.88 -5.61
CA SER A 15 13.12 1.42 -4.39
C SER A 15 12.15 1.30 -3.22
N ASP A 16 10.86 1.46 -3.51
CA ASP A 16 9.84 1.35 -2.49
C ASP A 16 9.78 -0.12 -2.07
N THR A 17 9.80 -1.02 -3.06
CA THR A 17 9.76 -2.44 -2.75
C THR A 17 11.00 -2.87 -1.95
N TYR A 18 12.16 -2.27 -2.25
CA TYR A 18 13.39 -2.59 -1.52
C TYR A 18 13.11 -2.26 -0.06
N SER A 19 12.54 -1.08 0.18
CA SER A 19 12.21 -0.67 1.54
C SER A 19 11.23 -1.64 2.18
N ALA A 20 10.21 -2.04 1.43
CA ALA A 20 9.19 -2.96 1.95
C ALA A 20 9.79 -4.30 2.42
N GLU A 21 10.69 -4.84 1.61
CA GLU A 21 11.33 -6.12 1.94
C GLU A 21 12.18 -5.96 3.20
N LYS A 22 12.86 -4.81 3.28
CA LYS A 22 13.73 -4.47 4.41
C LYS A 22 12.90 -4.49 5.70
N GLN A 23 11.76 -3.81 5.67
CA GLN A 23 10.86 -3.75 6.80
C GLN A 23 10.29 -5.14 7.04
N LEU A 24 9.96 -5.84 5.97
CA LEU A 24 9.38 -7.16 6.14
C LEU A 24 10.30 -8.10 6.93
N THR A 25 11.63 -8.02 6.72
CA THR A 25 12.57 -8.88 7.44
C THR A 25 12.37 -8.82 8.96
N ARG A 26 12.29 -7.62 9.51
CA ARG A 26 12.08 -7.44 10.94
C ARG A 26 10.70 -8.01 11.32
N ALA A 27 9.67 -7.60 10.59
CA ALA A 27 8.32 -8.06 10.87
C ALA A 27 8.15 -9.57 10.92
N LEU A 28 8.75 -10.28 9.97
CA LEU A 28 8.63 -11.73 9.92
C LEU A 28 9.27 -12.43 11.12
N ALA A 29 10.37 -11.90 11.63
CA ALA A 29 11.02 -12.52 12.79
C ALA A 29 10.08 -12.37 13.99
N LYS A 30 9.42 -11.21 14.08
CA LYS A 30 8.49 -10.98 15.17
C LYS A 30 7.27 -11.90 14.98
N LEU A 31 6.75 -12.01 13.77
CA LEU A 31 5.61 -12.88 13.55
C LEU A 31 5.90 -14.31 13.89
N ALA A 32 7.08 -14.80 13.54
CA ALA A 32 7.42 -16.18 13.84
C ALA A 32 7.36 -16.45 15.35
N ARG A 33 7.67 -15.44 16.17
CA ARG A 33 7.65 -15.57 17.62
C ARG A 33 6.28 -15.20 18.22
N ALA A 34 5.36 -14.74 17.39
CA ALA A 34 4.05 -14.33 17.89
C ALA A 34 3.02 -15.44 18.01
N THR A 35 3.37 -16.66 17.59
CA THR A 35 2.44 -17.76 17.62
C THR A 35 2.98 -19.07 18.17
N SER A 36 2.11 -19.84 18.85
CA SER A 36 2.50 -21.12 19.42
C SER A 36 2.25 -22.24 18.41
N ASN A 37 1.72 -21.89 17.24
CA ASN A 37 1.46 -22.87 16.20
C ASN A 37 2.80 -23.05 15.47
N GLU A 38 3.48 -24.15 15.77
CA GLU A 38 4.78 -24.46 15.20
C GLU A 38 4.83 -24.41 13.68
N LYS A 39 3.79 -24.95 13.03
CA LYS A 39 3.74 -24.95 11.58
C LYS A 39 3.64 -23.52 11.04
N LEU A 40 2.91 -22.66 11.74
CA LEU A 40 2.78 -21.27 11.29
C LEU A 40 4.09 -20.54 11.55
N SER A 41 4.65 -20.75 12.74
CA SER A 41 5.92 -20.13 13.13
C SER A 41 6.97 -20.43 12.06
N GLN A 42 7.03 -21.68 11.61
CA GLN A 42 8.00 -22.08 10.60
C GLN A 42 7.75 -21.43 9.24
N ALA A 43 6.49 -21.23 8.89
CA ALA A 43 6.17 -20.60 7.61
C ALA A 43 6.67 -19.16 7.64
N PHE A 44 6.56 -18.50 8.79
CA PHE A 44 7.01 -17.12 8.89
C PHE A 44 8.55 -17.11 8.85
N HIS A 45 9.17 -18.09 9.50
CA HIS A 45 10.62 -18.18 9.50
C HIS A 45 11.11 -18.51 8.10
N ALA A 46 10.39 -19.38 7.41
CA ALA A 46 10.77 -19.74 6.05
C ALA A 46 10.68 -18.51 5.16
N HIS A 47 9.61 -17.72 5.33
CA HIS A 47 9.45 -16.54 4.48
C HIS A 47 10.49 -15.47 4.83
N LEU A 48 10.94 -15.46 6.09
CA LEU A 48 11.95 -14.51 6.52
C LEU A 48 13.23 -14.76 5.74
N GLU A 49 13.55 -16.04 5.55
CA GLU A 49 14.75 -16.40 4.81
C GLU A 49 14.58 -16.07 3.33
N GLU A 50 13.45 -16.47 2.76
CA GLU A 50 13.15 -16.19 1.36
C GLU A 50 13.17 -14.68 1.09
N THR A 51 12.74 -13.87 2.06
CA THR A 51 12.73 -12.42 1.88
C THR A 51 14.16 -11.85 1.83
N HIS A 52 15.06 -12.40 2.63
CA HIS A 52 16.44 -11.93 2.59
C HIS A 52 16.97 -12.28 1.21
N GLY A 53 16.53 -13.43 0.70
CA GLY A 53 16.96 -13.85 -0.62
C GLY A 53 16.42 -12.94 -1.72
N GLN A 54 15.20 -12.43 -1.52
CA GLN A 54 14.57 -11.56 -2.49
C GLN A 54 15.26 -10.20 -2.52
N ILE A 55 15.81 -9.77 -1.38
CA ILE A 55 16.51 -8.50 -1.37
C ILE A 55 17.77 -8.71 -2.23
N GLU A 56 18.41 -9.86 -2.10
CA GLU A 56 19.60 -10.11 -2.92
C GLU A 56 19.23 -10.05 -4.39
N ARG A 57 18.06 -10.58 -4.73
CA ARG A 57 17.63 -10.58 -6.12
C ARG A 57 17.43 -9.14 -6.61
N ILE A 58 16.99 -8.24 -5.71
CA ILE A 58 16.80 -6.84 -6.10
C ILE A 58 18.18 -6.22 -6.41
N ASP A 59 19.21 -6.62 -5.69
CA ASP A 59 20.55 -6.07 -5.95
C ASP A 59 20.94 -6.50 -7.36
N GLN A 60 20.57 -7.72 -7.71
CA GLN A 60 20.84 -8.28 -9.04
C GLN A 60 20.10 -7.49 -10.12
N VAL A 61 18.85 -7.12 -9.84
CA VAL A 61 18.04 -6.36 -10.79
C VAL A 61 18.71 -5.02 -11.06
N VAL A 62 19.14 -4.38 -9.99
CA VAL A 62 19.78 -3.09 -10.07
C VAL A 62 21.07 -3.16 -10.89
N GLU A 63 21.88 -4.19 -10.64
CA GLU A 63 23.14 -4.37 -11.35
C GLU A 63 22.94 -4.77 -12.83
N SER A 64 21.78 -5.33 -13.16
CA SER A 64 21.50 -5.76 -14.53
C SER A 64 21.36 -4.60 -15.52
N GLU A 65 21.20 -3.39 -15.00
CA GLU A 65 21.07 -2.23 -15.88
C GLU A 65 21.87 -1.06 -15.31
N SER A 66 22.78 -0.55 -16.12
CA SER A 66 23.67 0.56 -15.75
C SER A 66 23.01 1.78 -15.11
N ASN A 67 21.84 2.15 -15.61
CA ASN A 67 21.11 3.32 -15.11
C ASN A 67 20.36 3.12 -13.79
N LEU A 68 20.09 1.87 -13.44
CA LEU A 68 19.35 1.59 -12.21
C LEU A 68 20.12 1.89 -10.93
N LYS A 69 19.38 2.29 -9.89
CA LYS A 69 19.94 2.60 -8.56
C LYS A 69 18.78 2.36 -7.60
N ILE A 70 19.02 2.41 -6.29
CA ILE A 70 17.92 2.27 -5.33
C ILE A 70 17.92 3.60 -4.62
N LYS A 71 16.81 4.32 -4.64
CA LYS A 71 16.75 5.59 -3.95
C LYS A 71 16.23 5.32 -2.54
N ARG A 72 16.84 5.97 -1.54
CA ARG A 72 16.47 5.79 -0.15
C ARG A 72 15.09 6.35 0.17
N LYS A 74 11.18 5.35 2.75
CA LYS A 74 10.46 4.44 3.62
C LYS A 74 9.11 4.17 2.95
N CYS A 75 8.82 2.89 2.71
CA CYS A 75 7.57 2.49 2.07
C CYS A 75 6.48 2.55 3.14
N VAL A 76 5.64 3.58 3.05
CA VAL A 76 4.55 3.80 4.00
C VAL A 76 3.49 2.72 3.95
N ALA A 77 3.25 2.16 2.75
CA ALA A 77 2.26 1.11 2.60
C ALA A 77 2.68 -0.12 3.43
N GLU A 79 4.72 -0.28 5.90
CA GLU A 79 4.76 0.13 7.30
C GLU A 79 3.36 -0.06 7.91
N GLY A 80 2.33 0.36 7.18
CA GLY A 80 0.97 0.20 7.68
C GLY A 80 0.56 -1.26 7.78
N LEU A 81 0.94 -2.07 6.79
CA LEU A 81 0.60 -3.49 6.78
C LEU A 81 1.28 -4.22 7.93
N ILE A 82 2.48 -3.75 8.28
CA ILE A 82 3.23 -4.35 9.36
C ILE A 82 2.61 -3.91 10.70
N GLU A 83 2.12 -2.67 10.78
CA GLU A 83 1.49 -2.23 12.02
C GLU A 83 0.19 -3.01 12.20
N GLU A 84 -0.44 -3.36 11.07
CA GLU A 84 -1.68 -4.13 11.10
C GLU A 84 -1.41 -5.49 11.74
N ALA A 85 -0.35 -6.15 11.28
CA ALA A 85 0.02 -7.45 11.84
C ALA A 85 0.41 -7.31 13.31
N ASN A 86 1.15 -6.26 13.63
CA ASN A 86 1.60 -6.04 15.01
C ASN A 86 0.41 -5.83 15.94
N GLU A 87 -0.65 -5.19 15.45
CA GLU A 87 -1.83 -4.97 16.28
C GLU A 87 -2.40 -6.32 16.71
N VAL A 88 -2.24 -7.34 15.87
CA VAL A 88 -2.72 -8.68 16.19
C VAL A 88 -1.75 -9.29 17.19
N ILE A 89 -0.45 -9.20 16.90
CA ILE A 89 0.62 -9.73 17.76
C ILE A 89 0.49 -9.22 19.18
N GLU A 90 0.29 -7.91 19.31
CA GLU A 90 0.19 -7.26 20.60
C GLU A 90 -1.17 -7.29 21.29
N SER A 91 -2.16 -7.93 20.66
CA SER A 91 -3.50 -8.01 21.25
C SER A 91 -3.53 -9.20 22.20
N THR A 92 -4.69 -9.44 22.82
CA THR A 92 -4.80 -10.59 23.71
C THR A 92 -5.48 -11.75 22.99
N GLU A 93 -5.63 -11.63 21.66
CA GLU A 93 -6.25 -12.72 20.90
C GLU A 93 -5.39 -13.93 21.23
N LYS A 94 -5.98 -15.10 21.21
CA LYS A 94 -5.23 -16.30 21.57
C LYS A 94 -5.55 -17.49 20.68
N ASN A 95 -4.59 -18.42 20.62
CA ASN A 95 -4.63 -19.63 19.81
C ASN A 95 -5.34 -19.56 18.44
N GLU A 96 -6.45 -20.26 18.23
CA GLU A 96 -7.07 -20.21 16.89
C GLU A 96 -7.54 -18.84 16.41
N VAL A 97 -7.98 -18.00 17.35
CA VAL A 97 -8.44 -16.66 16.99
C VAL A 97 -7.21 -15.90 16.54
N ARG A 98 -6.21 -15.92 17.41
CA ARG A 98 -4.94 -15.27 17.18
C ARG A 98 -4.30 -15.67 15.86
N ASP A 99 -4.24 -16.97 15.60
CA ASP A 99 -3.62 -17.48 14.39
C ASP A 99 -4.39 -17.15 13.10
N ALA A 100 -5.72 -17.08 13.20
CA ALA A 100 -6.55 -16.75 12.03
C ALA A 100 -6.20 -15.33 11.61
N ALA A 101 -6.08 -14.45 12.59
CA ALA A 101 -5.74 -13.06 12.33
C ALA A 101 -4.31 -12.91 11.83
N LEU A 102 -3.38 -13.66 12.41
CA LEU A 102 -1.98 -13.57 11.97
C LEU A 102 -1.83 -14.02 10.52
N ILE A 103 -2.47 -15.12 10.18
CA ILE A 103 -2.44 -15.64 8.82
C ILE A 103 -3.09 -14.63 7.87
N ALA A 104 -4.24 -14.10 8.28
CA ALA A 104 -4.96 -13.13 7.47
C ALA A 104 -4.12 -11.86 7.27
N ALA A 105 -3.46 -11.41 8.33
CA ALA A 105 -2.63 -10.22 8.23
C ALA A 105 -1.49 -10.51 7.25
N ALA A 106 -0.90 -11.69 7.36
CA ALA A 106 0.19 -12.09 6.48
C ALA A 106 -0.26 -12.20 5.03
N GLN A 107 -1.51 -12.58 4.81
CA GLN A 107 -2.04 -12.69 3.46
C GLN A 107 -2.25 -11.30 2.85
N LYS A 108 -2.47 -10.30 3.72
CA LYS A 108 -2.64 -8.93 3.26
C LYS A 108 -1.27 -8.43 2.78
N VAL A 109 -0.24 -8.80 3.52
CA VAL A 109 1.12 -8.43 3.16
C VAL A 109 1.42 -9.09 1.82
N GLU A 110 0.96 -10.33 1.63
CA GLU A 110 1.19 -11.00 0.36
C GLU A 110 0.39 -10.39 -0.79
N HIS A 111 -0.84 -9.94 -0.52
CA HIS A 111 -1.63 -9.33 -1.58
C HIS A 111 -0.82 -8.14 -2.11
N TYR A 112 -0.27 -7.36 -1.19
CA TYR A 112 0.53 -6.20 -1.56
C TYR A 112 1.80 -6.58 -2.32
N GLU A 113 2.54 -7.56 -1.81
CA GLU A 113 3.79 -7.94 -2.47
C GLU A 113 3.58 -8.49 -3.88
N ILE A 114 2.60 -9.37 -4.03
CA ILE A 114 2.30 -9.95 -5.34
C ILE A 114 1.96 -8.85 -6.35
N ALA A 115 1.05 -7.95 -5.98
CA ALA A 115 0.67 -6.87 -6.87
C ALA A 115 1.90 -6.00 -7.19
N SER A 116 2.77 -5.79 -6.20
CA SER A 116 3.98 -4.98 -6.39
C SER A 116 4.93 -5.59 -7.42
N TYR A 117 5.23 -6.87 -7.26
CA TYR A 117 6.14 -7.55 -8.18
C TYR A 117 5.52 -7.77 -9.56
N GLY A 118 4.20 -7.90 -9.60
CA GLY A 118 3.53 -8.09 -10.88
C GLY A 118 3.77 -6.81 -11.67
N THR A 119 3.58 -5.68 -11.00
CA THR A 119 3.78 -4.36 -11.60
C THR A 119 5.24 -4.14 -12.02
N LEU A 120 6.18 -4.44 -11.14
CA LEU A 120 7.60 -4.25 -11.44
C LEU A 120 8.08 -5.14 -12.60
N ALA A 121 7.62 -6.39 -12.61
CA ALA A 121 8.00 -7.32 -13.68
C ALA A 121 7.51 -6.83 -15.05
N THR A 122 6.27 -6.34 -15.11
CA THR A 122 5.70 -5.83 -16.36
C THR A 122 6.45 -4.57 -16.81
N LEU A 123 6.73 -3.66 -15.88
CA LEU A 123 7.45 -2.45 -16.21
C LEU A 123 8.85 -2.81 -16.73
N ALA A 124 9.53 -3.69 -16.02
CA ALA A 124 10.86 -4.10 -16.44
C ALA A 124 10.77 -4.68 -17.85
N GLU A 125 9.78 -5.53 -18.10
CA GLU A 125 9.62 -6.12 -19.42
C GLU A 125 9.41 -5.07 -20.49
N GLN A 126 8.54 -4.13 -20.19
CA GLN A 126 8.22 -3.05 -21.11
C GLN A 126 9.36 -2.07 -21.32
N LEU A 127 10.33 -2.05 -20.42
CA LEU A 127 11.47 -1.15 -20.57
C LEU A 127 12.64 -1.84 -21.26
N GLY A 128 12.44 -3.11 -21.60
CA GLY A 128 13.49 -3.87 -22.27
C GLY A 128 14.55 -4.43 -21.34
N TYR A 129 14.24 -4.50 -20.04
CA TYR A 129 15.19 -5.06 -19.08
C TYR A 129 14.86 -6.53 -18.90
N ARG A 130 15.34 -7.34 -19.84
CA ARG A 130 15.12 -8.77 -19.87
C ARG A 130 15.48 -9.53 -18.58
N LYS A 131 16.74 -9.39 -18.14
CA LYS A 131 17.19 -10.09 -16.94
C LYS A 131 16.38 -9.66 -15.72
N ALA A 132 16.05 -8.38 -15.65
CA ALA A 132 15.27 -7.88 -14.53
C ALA A 132 13.89 -8.54 -14.52
N ALA A 133 13.21 -8.54 -15.66
CA ALA A 133 11.87 -9.13 -15.73
C ALA A 133 11.87 -10.58 -15.25
N LYS A 134 12.87 -11.34 -15.68
CA LYS A 134 12.98 -12.75 -15.30
C LYS A 134 13.13 -12.88 -13.80
N LEU A 135 13.99 -12.03 -13.22
CA LEU A 135 14.22 -12.05 -11.79
C LEU A 135 12.98 -11.67 -11.01
N LEU A 136 12.33 -10.60 -11.44
CA LEU A 136 11.13 -10.14 -10.76
C LEU A 136 10.01 -11.17 -10.82
N LYS A 137 9.92 -11.92 -11.93
CA LYS A 137 8.88 -12.93 -12.03
C LYS A 137 9.21 -14.08 -11.08
N GLU A 138 10.50 -14.25 -10.76
CA GLU A 138 10.90 -15.30 -9.85
C GLU A 138 10.41 -14.96 -8.45
N THR A 139 10.55 -13.70 -8.06
CA THR A 139 10.08 -13.31 -6.74
C THR A 139 8.56 -13.38 -6.74
N LEU A 140 7.95 -12.89 -7.82
CA LEU A 140 6.50 -12.93 -7.93
C LEU A 140 5.98 -14.32 -7.64
N GLU A 141 6.56 -15.32 -8.29
CA GLU A 141 6.12 -16.71 -8.10
C GLU A 141 6.34 -17.22 -6.67
N GLU A 142 7.43 -16.81 -6.03
CA GLU A 142 7.71 -17.27 -4.67
C GLU A 142 6.65 -16.70 -3.73
N GLU A 143 6.28 -15.44 -3.94
CA GLU A 143 5.28 -14.81 -3.10
C GLU A 143 3.93 -15.46 -3.30
N LYS A 144 3.65 -15.88 -4.53
CA LYS A 144 2.39 -16.56 -4.81
C LYS A 144 2.39 -17.90 -4.07
N ALA A 145 3.52 -18.62 -4.12
CA ALA A 145 3.59 -19.90 -3.42
C ALA A 145 3.51 -19.68 -1.91
N THR A 146 4.12 -18.60 -1.43
CA THR A 146 4.07 -18.31 -0.01
C THR A 146 2.61 -18.05 0.37
N ASP A 147 1.89 -17.34 -0.49
CA ASP A 147 0.49 -17.05 -0.22
C ASP A 147 -0.34 -18.34 -0.20
N ILE A 148 -0.10 -19.26 -1.13
CA ILE A 148 -0.86 -20.51 -1.16
C ILE A 148 -0.60 -21.31 0.11
N LYS A 149 0.63 -21.28 0.61
CA LYS A 149 0.96 -21.99 1.84
C LYS A 149 0.18 -21.35 3.01
N LEU A 150 0.07 -20.03 3.00
CA LEU A 150 -0.67 -19.32 4.06
C LEU A 150 -2.14 -19.71 4.03
N THR A 151 -2.66 -19.93 2.83
CA THR A 151 -4.06 -20.33 2.70
C THR A 151 -4.28 -21.75 3.23
N ASP A 152 -3.33 -22.63 2.94
CA ASP A 152 -3.42 -24.01 3.41
C ASP A 152 -3.44 -23.97 4.93
N LEU A 153 -2.65 -23.06 5.49
CA LEU A 153 -2.58 -22.91 6.93
C LEU A 153 -3.88 -22.35 7.50
N ALA A 154 -4.47 -21.39 6.79
CA ALA A 154 -5.74 -20.82 7.28
C ALA A 154 -6.78 -21.93 7.30
N ILE A 155 -6.81 -22.75 6.25
CA ILE A 155 -7.75 -23.86 6.19
C ILE A 155 -7.52 -24.75 7.41
N ASN A 156 -6.26 -25.14 7.66
CA ASN A 156 -5.97 -25.99 8.81
C ASN A 156 -6.44 -25.37 10.13
N ASN A 157 -6.20 -24.07 10.31
CA ASN A 157 -6.61 -23.40 11.56
C ASN A 157 -8.12 -23.38 11.70
N VAL A 158 -8.82 -23.30 10.57
CA VAL A 158 -10.28 -23.29 10.58
C VAL A 158 -10.80 -24.67 10.99
N ASN A 159 -10.09 -25.72 10.57
CA ASN A 159 -10.49 -27.10 10.87
C ASN A 159 -9.85 -27.70 12.12
N LYS A 160 -9.02 -26.92 12.79
CA LYS A 160 -8.34 -27.33 14.00
C LYS A 160 -9.34 -27.84 15.05
N LYS A 161 -9.11 -29.07 15.53
CA LYS A 161 -9.94 -29.70 16.56
C LYS A 161 -8.99 -30.57 17.37
N LYS B 4 -0.10 -7.40 -19.73
CA LYS B 4 1.39 -7.42 -19.83
C LYS B 4 1.90 -6.16 -20.51
N THR B 5 1.05 -5.12 -20.54
CA THR B 5 1.41 -3.86 -21.17
C THR B 5 1.36 -2.73 -20.17
N ILE B 6 1.90 -1.57 -20.58
CA ILE B 6 1.88 -0.38 -19.74
C ILE B 6 0.42 -0.03 -19.45
N GLU B 7 -0.47 -0.24 -20.43
CA GLU B 7 -1.86 0.10 -20.15
C GLU B 7 -2.41 -0.83 -19.08
N ASP B 8 -1.93 -2.07 -19.04
CA ASP B 8 -2.42 -3.01 -18.02
C ASP B 8 -1.96 -2.54 -16.64
N VAL B 9 -0.74 -2.02 -16.58
CA VAL B 9 -0.23 -1.54 -15.30
C VAL B 9 -1.04 -0.33 -14.85
N PHE B 10 -1.33 0.58 -15.77
CA PHE B 10 -2.11 1.77 -15.47
C PHE B 10 -3.52 1.43 -14.97
N ILE B 11 -4.20 0.50 -15.64
CA ILE B 11 -5.54 0.10 -15.22
C ILE B 11 -5.46 -0.52 -13.83
N HIS B 12 -4.43 -1.32 -13.61
CA HIS B 12 -4.25 -1.96 -12.31
C HIS B 12 -4.07 -0.92 -11.22
N LEU B 13 -3.21 0.07 -11.46
CA LEU B 13 -2.97 1.10 -10.46
C LEU B 13 -4.17 2.03 -10.28
N LEU B 14 -4.89 2.34 -11.36
CA LEU B 14 -6.06 3.20 -11.24
C LEU B 14 -7.15 2.49 -10.44
N SER B 15 -7.30 1.18 -10.69
CA SER B 15 -8.28 0.38 -9.98
C SER B 15 -7.97 0.34 -8.50
N ASP B 16 -6.69 0.24 -8.16
CA ASP B 16 -6.26 0.21 -6.77
C ASP B 16 -6.60 1.53 -6.10
N THR B 17 -6.28 2.64 -6.77
CA THR B 17 -6.56 3.96 -6.20
C THR B 17 -8.07 4.19 -6.06
N TYR B 18 -8.86 3.62 -6.97
CA TYR B 18 -10.31 3.74 -6.93
C TYR B 18 -10.79 3.10 -5.61
N SER B 19 -10.29 1.90 -5.31
CA SER B 19 -10.64 1.19 -4.08
C SER B 19 -10.20 2.03 -2.89
N ALA B 20 -8.96 2.50 -2.93
CA ALA B 20 -8.40 3.32 -1.86
C ALA B 20 -9.29 4.53 -1.56
N GLU B 21 -9.70 5.25 -2.59
CA GLU B 21 -10.56 6.42 -2.39
C GLU B 21 -11.89 6.02 -1.77
N LYS B 22 -12.52 4.97 -2.32
CA LYS B 22 -13.80 4.51 -1.78
C LYS B 22 -13.67 4.18 -0.29
N GLN B 23 -12.57 3.52 0.07
CA GLN B 23 -12.34 3.18 1.48
C GLN B 23 -12.19 4.45 2.29
N LEU B 24 -11.43 5.40 1.76
CA LEU B 24 -11.20 6.65 2.46
C LEU B 24 -12.50 7.43 2.73
N THR B 25 -13.53 7.23 1.91
CA THR B 25 -14.77 7.97 2.17
C THR B 25 -15.33 7.56 3.52
N ARG B 26 -15.28 6.27 3.83
CA ARG B 26 -15.79 5.77 5.10
C ARG B 26 -14.90 6.26 6.26
N ALA B 27 -13.59 6.12 6.10
CA ALA B 27 -12.64 6.55 7.13
C ALA B 27 -12.76 8.03 7.48
N LEU B 28 -12.89 8.89 6.46
CA LEU B 28 -12.98 10.32 6.69
C LEU B 28 -14.28 10.72 7.42
N ALA B 29 -15.36 10.03 7.14
CA ALA B 29 -16.63 10.33 7.82
C ALA B 29 -16.42 10.05 9.30
N LYS B 30 -15.73 8.95 9.61
CA LYS B 30 -15.46 8.56 10.98
C LYS B 30 -14.43 9.49 11.66
N LEU B 31 -13.38 9.90 10.95
CA LEU B 31 -12.37 10.80 11.52
C LEU B 31 -12.96 12.15 11.92
N ALA B 32 -13.86 12.65 11.08
CA ALA B 32 -14.52 13.93 11.31
C ALA B 32 -15.32 13.94 12.60
N ARG B 33 -15.84 12.78 13.01
CA ARG B 33 -16.63 12.68 14.23
C ARG B 33 -15.74 12.34 15.44
N ALA B 34 -14.55 11.82 15.18
CA ALA B 34 -13.63 11.42 16.25
C ALA B 34 -12.78 12.53 16.88
N THR B 35 -12.68 13.67 16.23
CA THR B 35 -11.87 14.76 16.77
C THR B 35 -12.63 15.85 17.52
N SER B 36 -11.95 16.38 18.56
CA SER B 36 -12.48 17.41 19.44
C SER B 36 -12.36 18.80 18.82
N ASN B 37 -11.37 18.94 17.93
CA ASN B 37 -11.04 20.19 17.25
C ASN B 37 -11.97 20.46 16.06
N GLU B 38 -12.78 21.52 16.15
CA GLU B 38 -13.68 21.82 15.06
C GLU B 38 -12.99 22.05 13.73
N LYS B 39 -11.84 22.70 13.71
CA LYS B 39 -11.17 22.94 12.43
C LYS B 39 -10.64 21.66 11.81
N LEU B 40 -10.14 20.74 12.64
CA LEU B 40 -9.64 19.48 12.12
C LEU B 40 -10.80 18.65 11.58
N SER B 41 -11.92 18.69 12.30
CA SER B 41 -13.13 17.97 11.93
C SER B 41 -13.66 18.46 10.60
N GLN B 42 -13.65 19.79 10.44
CA GLN B 42 -14.11 20.42 9.21
C GLN B 42 -13.14 20.05 8.08
N ALA B 43 -11.86 19.95 8.42
CA ALA B 43 -10.83 19.59 7.43
C ALA B 43 -11.08 18.18 6.93
N PHE B 44 -11.38 17.26 7.85
CA PHE B 44 -11.66 15.88 7.46
C PHE B 44 -12.95 15.78 6.64
N HIS B 45 -13.97 16.54 7.02
CA HIS B 45 -15.25 16.51 6.29
C HIS B 45 -15.08 17.10 4.90
N ALA B 46 -14.32 18.17 4.78
CA ALA B 46 -14.10 18.80 3.47
C ALA B 46 -13.37 17.81 2.56
N HIS B 47 -12.37 17.11 3.10
CA HIS B 47 -11.63 16.13 2.31
C HIS B 47 -12.59 14.99 1.98
N LEU B 48 -13.58 14.73 2.83
CA LEU B 48 -14.53 13.66 2.52
C LEU B 48 -15.27 14.03 1.24
N GLU B 49 -15.86 15.22 1.18
CA GLU B 49 -16.58 15.63 -0.02
C GLU B 49 -15.67 15.65 -1.24
N GLU B 50 -14.47 16.20 -1.09
CA GLU B 50 -13.49 16.26 -2.18
C GLU B 50 -13.12 14.88 -2.69
N THR B 51 -13.08 13.90 -1.78
CA THR B 51 -12.74 12.53 -2.18
C THR B 51 -13.79 11.94 -3.12
N HIS B 52 -15.07 12.26 -2.89
CA HIS B 52 -16.12 11.77 -3.79
C HIS B 52 -15.91 12.45 -5.13
N GLY B 53 -15.44 13.69 -5.07
CA GLY B 53 -15.19 14.45 -6.28
C GLY B 53 -14.02 13.82 -7.03
N GLN B 54 -13.11 13.22 -6.26
CA GLN B 54 -11.95 12.57 -6.85
C GLN B 54 -12.32 11.22 -7.46
N ILE B 55 -13.25 10.51 -6.86
CA ILE B 55 -13.67 9.22 -7.40
C ILE B 55 -14.36 9.50 -8.74
N GLU B 56 -15.19 10.54 -8.76
CA GLU B 56 -15.87 10.91 -9.99
C GLU B 56 -14.84 11.27 -11.06
N ARG B 57 -13.72 11.85 -10.64
CA ARG B 57 -12.67 12.24 -11.59
C ARG B 57 -12.04 10.98 -12.20
N ILE B 58 -11.90 9.94 -11.39
CA ILE B 58 -11.35 8.68 -11.89
C ILE B 58 -12.33 8.13 -12.91
N ASP B 59 -13.62 8.30 -12.64
CA ASP B 59 -14.62 7.83 -13.59
C ASP B 59 -14.41 8.59 -14.89
N GLN B 60 -14.09 9.88 -14.76
CA GLN B 60 -13.85 10.69 -15.95
C GLN B 60 -12.57 10.26 -16.68
N VAL B 61 -11.60 9.74 -15.94
CA VAL B 61 -10.35 9.28 -16.56
C VAL B 61 -10.69 8.05 -17.41
N VAL B 62 -11.43 7.11 -16.85
CA VAL B 62 -11.83 5.88 -17.55
C VAL B 62 -12.65 6.20 -18.80
N GLU B 63 -13.54 7.18 -18.74
CA GLU B 63 -14.34 7.46 -19.93
C GLU B 63 -13.55 8.15 -21.05
N SER B 64 -12.44 8.81 -20.71
CA SER B 64 -11.63 9.52 -21.71
C SER B 64 -10.81 8.62 -22.66
N GLU B 65 -10.85 7.31 -22.44
CA GLU B 65 -10.11 6.37 -23.28
C GLU B 65 -10.95 5.09 -23.28
N SER B 66 -11.69 4.85 -24.36
CA SER B 66 -12.61 3.72 -24.48
C SER B 66 -12.13 2.34 -23.99
N ASN B 67 -10.83 2.10 -24.03
CA ASN B 67 -10.25 0.82 -23.60
C ASN B 67 -10.12 0.68 -22.08
N LEU B 68 -10.10 1.80 -21.36
CA LEU B 68 -9.95 1.75 -19.90
C LEU B 68 -11.17 1.15 -19.20
N LYS B 69 -10.98 0.74 -17.95
CA LYS B 69 -12.03 0.16 -17.12
C LYS B 69 -11.51 0.13 -15.69
N ILE B 70 -12.41 0.02 -14.73
CA ILE B 70 -12.00 -0.08 -13.33
C ILE B 70 -12.24 -1.54 -12.98
N LYS B 71 -11.18 -2.25 -12.63
CA LYS B 71 -11.31 -3.65 -12.26
C LYS B 71 -11.59 -3.66 -10.77
N ARG B 72 -12.51 -4.52 -10.34
CA ARG B 72 -12.85 -4.58 -8.93
C ARG B 72 -11.73 -5.21 -8.10
N LYS B 74 -9.49 -4.85 -3.91
CA LYS B 74 -9.36 -4.21 -2.63
C LYS B 74 -7.91 -3.75 -2.48
N CYS B 75 -7.75 -2.46 -2.25
CA CYS B 75 -6.44 -1.88 -2.04
C CYS B 75 -6.13 -2.14 -0.60
N VAL B 76 -5.26 -3.12 -0.38
CA VAL B 76 -4.85 -3.55 0.93
C VAL B 76 -4.01 -2.53 1.70
N ALA B 77 -3.18 -1.76 0.98
CA ALA B 77 -2.34 -0.76 1.64
C ALA B 77 -3.19 0.29 2.38
N GLU B 79 -6.12 -0.13 3.66
CA GLU B 79 -6.72 -0.73 4.85
C GLU B 79 -5.78 -0.48 6.03
N GLY B 80 -4.50 -0.79 5.81
CA GLY B 80 -3.51 -0.61 6.85
C GLY B 80 -3.35 0.82 7.33
N LEU B 81 -3.33 1.78 6.39
CA LEU B 81 -3.18 3.18 6.77
C LEU B 81 -4.42 3.67 7.53
N ILE B 82 -5.59 3.21 7.12
CA ILE B 82 -6.81 3.60 7.82
C ILE B 82 -6.78 3.00 9.24
N GLU B 83 -6.18 1.82 9.40
CA GLU B 83 -6.12 1.20 10.71
C GLU B 83 -5.24 1.95 11.71
N GLU B 84 -4.23 2.66 11.22
CA GLU B 84 -3.36 3.43 12.11
C GLU B 84 -4.20 4.50 12.81
N ALA B 85 -5.10 5.12 12.07
CA ALA B 85 -5.95 6.14 12.66
C ALA B 85 -6.89 5.52 13.69
N ASN B 86 -7.41 4.33 13.38
CA ASN B 86 -8.29 3.60 14.29
C ASN B 86 -7.56 3.35 15.61
N GLU B 87 -6.32 2.89 15.52
CA GLU B 87 -5.50 2.60 16.70
C GLU B 87 -5.24 3.86 17.52
N VAL B 88 -5.07 5.00 16.83
CA VAL B 88 -4.85 6.25 17.54
C VAL B 88 -6.10 6.53 18.37
N ILE B 89 -7.27 6.43 17.74
CA ILE B 89 -8.53 6.68 18.41
C ILE B 89 -8.70 5.82 19.65
N GLU B 90 -8.32 4.55 19.55
CA GLU B 90 -8.44 3.61 20.67
C GLU B 90 -7.41 3.79 21.78
N SER B 91 -6.37 4.58 21.52
CA SER B 91 -5.34 4.81 22.53
C SER B 91 -5.20 6.25 22.97
N THR B 92 -6.27 7.03 22.81
CA THR B 92 -6.25 8.44 23.22
C THR B 92 -7.64 8.88 23.67
N GLU B 93 -7.69 9.93 24.48
CA GLU B 93 -8.97 10.48 24.91
C GLU B 93 -9.30 11.43 23.76
N LYS B 94 -10.53 11.93 23.67
CA LYS B 94 -10.90 12.85 22.58
C LYS B 94 -10.41 14.25 22.88
N ASN B 95 -9.12 14.45 22.67
CA ASN B 95 -8.50 15.73 22.93
C ASN B 95 -7.39 16.02 21.92
N GLU B 96 -6.53 16.98 22.26
CA GLU B 96 -5.46 17.35 21.35
C GLU B 96 -4.37 16.27 21.14
N VAL B 97 -4.28 15.28 22.02
CA VAL B 97 -3.30 14.20 21.82
C VAL B 97 -3.84 13.40 20.63
N ARG B 98 -5.14 13.15 20.62
CA ARG B 98 -5.78 12.41 19.53
C ARG B 98 -5.61 13.20 18.23
N ASP B 99 -5.88 14.50 18.29
CA ASP B 99 -5.76 15.35 17.10
C ASP B 99 -4.35 15.31 16.49
N ALA B 100 -3.34 15.49 17.32
CA ALA B 100 -1.96 15.48 16.84
C ALA B 100 -1.62 14.14 16.19
N ALA B 101 -2.04 13.04 16.81
CA ALA B 101 -1.76 11.72 16.26
C ALA B 101 -2.59 11.43 15.00
N LEU B 102 -3.83 11.92 14.96
CA LEU B 102 -4.66 11.69 13.79
C LEU B 102 -4.09 12.48 12.61
N ILE B 103 -3.52 13.65 12.86
CA ILE B 103 -2.95 14.41 11.76
C ILE B 103 -1.71 13.72 11.22
N ALA B 104 -0.94 13.08 12.09
CA ALA B 104 0.24 12.34 11.66
C ALA B 104 -0.26 11.15 10.84
N ALA B 105 -1.27 10.47 11.33
CA ALA B 105 -1.78 9.33 10.58
C ALA B 105 -2.34 9.81 9.23
N ALA B 106 -3.05 10.94 9.23
CA ALA B 106 -3.61 11.45 7.98
C ALA B 106 -2.51 11.83 6.98
N GLN B 107 -1.35 12.26 7.49
CA GLN B 107 -0.23 12.62 6.61
C GLN B 107 0.33 11.39 5.93
N LYS B 108 0.24 10.25 6.62
CA LYS B 108 0.71 8.97 6.07
C LYS B 108 -0.18 8.66 4.90
N VAL B 109 -1.49 8.85 5.10
CA VAL B 109 -2.47 8.60 4.05
C VAL B 109 -2.18 9.52 2.88
N GLU B 110 -1.89 10.79 3.16
CA GLU B 110 -1.60 11.72 2.08
C GLU B 110 -0.31 11.36 1.34
N HIS B 111 0.68 10.87 2.07
CA HIS B 111 1.95 10.48 1.46
C HIS B 111 1.66 9.42 0.40
N TYR B 112 0.95 8.39 0.81
CA TYR B 112 0.57 7.30 -0.09
C TYR B 112 -0.22 7.76 -1.31
N GLU B 113 -1.27 8.56 -1.08
CA GLU B 113 -2.12 9.06 -2.15
C GLU B 113 -1.40 9.98 -3.13
N ILE B 114 -0.53 10.86 -2.62
CA ILE B 114 0.21 11.76 -3.49
C ILE B 114 1.14 10.96 -4.39
N ALA B 115 1.82 9.95 -3.81
CA ALA B 115 2.74 9.11 -4.57
C ALA B 115 1.98 8.29 -5.63
N SER B 116 0.78 7.82 -5.28
CA SER B 116 -0.04 7.03 -6.20
C SER B 116 -0.45 7.87 -7.41
N TYR B 117 -0.91 9.09 -7.14
CA TYR B 117 -1.35 9.95 -8.23
C TYR B 117 -0.20 10.49 -9.07
N GLY B 118 0.98 10.63 -8.46
CA GLY B 118 2.12 11.09 -9.22
C GLY B 118 2.44 10.01 -10.24
N THR B 119 2.41 8.77 -9.81
CA THR B 119 2.68 7.62 -10.67
C THR B 119 1.63 7.45 -11.76
N LEU B 120 0.35 7.61 -11.40
CA LEU B 120 -0.74 7.48 -12.37
C LEU B 120 -0.65 8.58 -13.44
N ALA B 121 -0.28 9.79 -13.01
CA ALA B 121 -0.14 10.95 -13.90
C ALA B 121 0.97 10.73 -14.93
N THR B 122 2.11 10.27 -14.44
CA THR B 122 3.25 10.00 -15.30
C THR B 122 2.91 8.90 -16.30
N LEU B 123 2.27 7.84 -15.83
CA LEU B 123 1.89 6.75 -16.72
C LEU B 123 0.92 7.26 -17.78
N ALA B 124 -0.06 8.04 -17.35
CA ALA B 124 -1.05 8.59 -18.27
C ALA B 124 -0.37 9.41 -19.37
N GLU B 125 0.64 10.20 -18.99
CA GLU B 125 1.33 11.01 -19.99
C GLU B 125 2.21 10.16 -20.89
N GLN B 126 2.79 9.11 -20.33
CA GLN B 126 3.64 8.24 -21.14
C GLN B 126 2.79 7.40 -22.10
N LEU B 127 1.51 7.24 -21.77
CA LEU B 127 0.57 6.48 -22.61
C LEU B 127 -0.05 7.37 -23.67
N GLY B 128 0.11 8.68 -23.53
CA GLY B 128 -0.46 9.60 -24.49
C GLY B 128 -1.89 9.95 -24.14
N TYR B 129 -2.30 9.59 -22.93
CA TYR B 129 -3.65 9.86 -22.42
C TYR B 129 -3.71 11.31 -21.94
N ARG B 130 -3.87 12.26 -22.85
CA ARG B 130 -3.87 13.66 -22.46
C ARG B 130 -4.93 14.13 -21.46
N LYS B 131 -6.19 13.79 -21.66
CA LYS B 131 -7.23 14.23 -20.74
C LYS B 131 -6.98 13.65 -19.35
N ALA B 132 -6.70 12.34 -19.32
CA ALA B 132 -6.44 11.64 -18.07
C ALA B 132 -5.26 12.25 -17.32
N ALA B 133 -4.18 12.55 -18.03
CA ALA B 133 -3.03 13.15 -17.37
C ALA B 133 -3.51 14.40 -16.63
N LYS B 134 -4.24 15.25 -17.33
CA LYS B 134 -4.76 16.49 -16.73
C LYS B 134 -5.63 16.24 -15.51
N LEU B 135 -6.54 15.27 -15.61
CA LEU B 135 -7.42 14.98 -14.50
C LEU B 135 -6.64 14.44 -13.30
N LEU B 136 -5.70 13.55 -13.55
CA LEU B 136 -4.90 12.98 -12.47
C LEU B 136 -4.06 14.08 -11.79
N LYS B 137 -3.56 15.04 -12.57
CA LYS B 137 -2.78 16.13 -12.00
C LYS B 137 -3.68 17.02 -11.13
N GLU B 138 -4.94 17.17 -11.55
CA GLU B 138 -5.89 17.99 -10.78
C GLU B 138 -6.09 17.37 -9.40
N THR B 139 -6.23 16.05 -9.35
CA THR B 139 -6.41 15.39 -8.07
C THR B 139 -5.11 15.47 -7.26
N LEU B 140 -3.98 15.30 -7.95
CA LEU B 140 -2.68 15.36 -7.30
C LEU B 140 -2.48 16.69 -6.58
N GLU B 141 -2.93 17.77 -7.22
CA GLU B 141 -2.81 19.10 -6.64
C GLU B 141 -3.74 19.25 -5.45
N GLU B 142 -4.91 18.63 -5.52
CA GLU B 142 -5.86 18.70 -4.41
C GLU B 142 -5.31 17.97 -3.21
N GLU B 143 -4.63 16.85 -3.44
CA GLU B 143 -4.07 16.11 -2.32
C GLU B 143 -2.92 16.88 -1.68
N LYS B 144 -2.15 17.61 -2.51
CA LYS B 144 -1.04 18.42 -2.01
C LYS B 144 -1.57 19.54 -1.12
N ALA B 145 -2.64 20.18 -1.57
CA ALA B 145 -3.25 21.27 -0.82
C ALA B 145 -3.79 20.69 0.48
N THR B 146 -4.44 19.55 0.38
CA THR B 146 -5.00 18.88 1.56
C THR B 146 -3.91 18.59 2.59
N ASP B 147 -2.78 18.06 2.13
CA ASP B 147 -1.65 17.73 3.00
C ASP B 147 -1.07 18.98 3.66
N ILE B 148 -0.89 20.03 2.88
CA ILE B 148 -0.35 21.29 3.41
C ILE B 148 -1.28 21.81 4.52
N LYS B 149 -2.59 21.67 4.30
CA LYS B 149 -3.60 22.12 5.26
C LYS B 149 -3.50 21.36 6.58
N LEU B 150 -3.22 20.06 6.51
CA LEU B 150 -3.08 19.28 7.72
C LEU B 150 -1.86 19.81 8.50
N THR B 151 -0.77 20.05 7.79
CA THR B 151 0.47 20.57 8.36
C THR B 151 0.24 21.88 9.10
N ASP B 152 -0.45 22.80 8.44
CA ASP B 152 -0.75 24.09 9.03
C ASP B 152 -1.69 23.95 10.22
N LEU B 153 -2.62 23.00 10.14
CA LEU B 153 -3.54 22.75 11.25
C LEU B 153 -2.70 22.23 12.41
N ALA B 154 -1.76 21.35 12.10
CA ALA B 154 -0.89 20.77 13.11
C ALA B 154 -0.12 21.87 13.85
N ILE B 155 0.41 22.83 13.09
CA ILE B 155 1.18 23.94 13.64
C ILE B 155 0.36 24.81 14.61
N ASN B 156 -0.84 25.22 14.21
CA ASN B 156 -1.68 26.01 15.13
C ASN B 156 -2.64 24.98 15.73
N ASN B 157 -2.07 23.94 16.31
CA ASN B 157 -2.82 22.85 16.93
C ASN B 157 -2.11 22.39 18.20
#